data_2EMS
#
_entry.id   2EMS
#
_cell.length_a   68.699
_cell.length_b   68.699
_cell.length_c   201.325
_cell.angle_alpha   90.00
_cell.angle_beta   90.00
_cell.angle_gamma   90.00
#
_symmetry.space_group_name_H-M   'P 43 2 2'
#
loop_
_entity.id
_entity.type
_entity.pdbx_description
1 polymer Radixin
2 polymer Leukosialin
#
loop_
_entity_poly.entity_id
_entity_poly.type
_entity_poly.pdbx_seq_one_letter_code
_entity_poly.pdbx_strand_id
1 'polypeptide(L)'
;GSMPKPINVRVTTMDAELEFAIQPNTTGKQLFDQVVKTVGLREVWFFGLQYVDSKGYSTWLKLNKKVTQQDVKKENPLQF
KFRAKFFPEDVSEELIQEITQRLFFLQVKEAILNDEIYCPPETAVLLASYAVQAKYGDYNKEIHKPGYLANDRLLPQRVL
EQHKLTKEQWEERIQNWHEEHRGMLREDSMMEYLKIAQDLEMYGVNYFEIKNKKGTELWLGVDALGLNIYEHDDKLTPKI
GFPWSEIRNISFNDKKFVIKPIDKKAPDFVFYAPRLRINKRILALCMGNHELYMRRRKPDTIEVQQMKAQARVDSSGRIV
TD
;
A
2 'polypeptide(L)' RQRQKRRTGALTLSGGGKRN B
#
# COMPACT_ATOMS: atom_id res chain seq x y z
N PRO A 4 0.12 -35.28 -11.83
CA PRO A 4 0.66 -33.94 -11.51
C PRO A 4 -0.29 -33.16 -10.59
N LYS A 5 -0.62 -33.74 -9.45
CA LYS A 5 -1.56 -33.13 -8.51
C LYS A 5 -1.43 -31.61 -8.45
N PRO A 6 -2.56 -30.90 -8.29
CA PRO A 6 -2.56 -29.44 -8.20
C PRO A 6 -2.28 -28.96 -6.78
N ILE A 7 -1.79 -27.73 -6.65
CA ILE A 7 -1.46 -27.14 -5.35
C ILE A 7 -2.57 -26.20 -4.90
N ASN A 8 -3.21 -26.48 -3.76
CA ASN A 8 -4.28 -25.62 -3.27
C ASN A 8 -3.76 -24.23 -2.91
N VAL A 9 -4.57 -23.22 -3.19
CA VAL A 9 -4.18 -21.84 -2.93
C VAL A 9 -5.34 -21.01 -2.42
N ARG A 10 -5.04 -20.11 -1.50
CA ARG A 10 -6.07 -19.25 -0.97
C ARG A 10 -5.62 -17.82 -1.18
N VAL A 11 -6.47 -17.05 -1.83
CA VAL A 11 -6.17 -15.65 -2.09
C VAL A 11 -7.31 -14.88 -1.47
N THR A 12 -7.00 -13.95 -0.58
CA THR A 12 -8.04 -13.16 0.04
C THR A 12 -7.98 -11.74 -0.51
N THR A 13 -9.14 -11.17 -0.82
CA THR A 13 -9.19 -9.80 -1.29
C THR A 13 -9.30 -9.08 0.02
N MET A 14 -9.63 -7.81 -0.03
CA MET A 14 -9.78 -7.07 1.19
C MET A 14 -11.04 -7.53 1.89
N ASP A 15 -12.11 -7.64 1.12
CA ASP A 15 -13.39 -8.04 1.66
C ASP A 15 -13.94 -9.33 1.05
N ALA A 16 -13.07 -10.30 0.79
CA ALA A 16 -13.55 -11.55 0.19
C ALA A 16 -12.51 -12.66 0.11
N GLU A 17 -12.95 -13.90 0.22
CA GLU A 17 -12.03 -15.03 0.13
C GLU A 17 -12.19 -15.78 -1.17
N LEU A 18 -11.08 -16.05 -1.86
CA LEU A 18 -11.10 -16.79 -3.12
C LEU A 18 -10.23 -18.04 -2.93
N GLU A 19 -10.68 -19.16 -3.47
CA GLU A 19 -9.92 -20.40 -3.32
C GLU A 19 -9.68 -21.01 -4.69
N PHE A 20 -8.43 -21.00 -5.12
CA PHE A 20 -8.10 -21.55 -6.43
C PHE A 20 -7.23 -22.78 -6.30
N ALA A 21 -6.87 -23.34 -7.45
CA ALA A 21 -6.02 -24.54 -7.52
C ALA A 21 -4.99 -24.28 -8.61
N ILE A 22 -3.72 -24.34 -8.22
CA ILE A 22 -2.60 -24.06 -9.11
C ILE A 22 -1.87 -25.33 -9.51
N GLN A 23 -0.77 -25.16 -10.23
CA GLN A 23 0.05 -26.26 -10.69
C GLN A 23 1.54 -26.01 -10.55
N PRO A 24 2.32 -27.05 -10.83
CA PRO A 24 3.78 -27.02 -10.76
C PRO A 24 4.27 -25.78 -11.45
N ASN A 25 3.77 -25.53 -12.64
CA ASN A 25 4.23 -24.36 -13.35
C ASN A 25 3.19 -23.35 -13.75
N THR A 26 2.48 -22.84 -12.75
CA THR A 26 1.49 -21.81 -13.00
C THR A 26 2.25 -20.55 -12.62
N THR A 27 2.38 -19.60 -13.55
CA THR A 27 3.12 -18.37 -13.28
C THR A 27 2.40 -17.45 -12.30
N GLY A 28 3.13 -16.50 -11.73
CA GLY A 28 2.51 -15.54 -10.83
C GLY A 28 1.43 -14.83 -11.64
N LYS A 29 1.78 -14.44 -12.85
CA LYS A 29 0.88 -13.76 -13.78
C LYS A 29 -0.48 -14.46 -13.83
N GLN A 30 -0.52 -15.67 -14.38
CA GLN A 30 -1.76 -16.43 -14.46
C GLN A 30 -2.64 -16.25 -13.22
N LEU A 31 -2.09 -16.58 -12.06
CA LEU A 31 -2.84 -16.46 -10.82
C LEU A 31 -3.48 -15.08 -10.69
N PHE A 32 -2.64 -14.05 -10.75
CA PHE A 32 -3.05 -12.64 -10.65
C PHE A 32 -4.19 -12.35 -11.64
N ASP A 33 -3.89 -12.55 -12.93
CA ASP A 33 -4.85 -12.33 -14.01
C ASP A 33 -6.21 -12.91 -13.67
N GLN A 34 -6.21 -14.09 -13.07
CA GLN A 34 -7.45 -14.75 -12.70
C GLN A 34 -8.13 -14.06 -11.54
N VAL A 35 -7.36 -13.72 -10.52
CA VAL A 35 -7.89 -13.06 -9.34
C VAL A 35 -8.53 -11.73 -9.73
N VAL A 36 -7.86 -11.03 -10.62
CA VAL A 36 -8.36 -9.76 -11.09
C VAL A 36 -9.65 -10.00 -11.85
N LYS A 37 -9.67 -11.05 -12.67
CA LYS A 37 -10.87 -11.36 -13.44
C LYS A 37 -12.01 -11.70 -12.50
N THR A 38 -11.80 -12.68 -11.63
CA THR A 38 -12.83 -13.10 -10.68
C THR A 38 -13.34 -11.98 -9.78
N VAL A 39 -12.47 -11.04 -9.44
CA VAL A 39 -12.85 -9.92 -8.58
C VAL A 39 -13.52 -8.80 -9.35
N GLY A 40 -13.14 -8.63 -10.61
CA GLY A 40 -13.72 -7.59 -11.44
C GLY A 40 -12.96 -6.29 -11.25
N LEU A 41 -11.65 -6.40 -11.20
CA LEU A 41 -10.77 -5.26 -11.00
C LEU A 41 -10.03 -4.95 -12.30
N ARG A 42 -10.05 -3.69 -12.75
CA ARG A 42 -9.39 -3.34 -14.00
C ARG A 42 -8.03 -2.65 -13.88
N GLU A 43 -7.94 -1.66 -12.99
CA GLU A 43 -6.69 -0.91 -12.77
C GLU A 43 -5.61 -1.74 -12.06
N VAL A 44 -5.30 -2.90 -12.62
CA VAL A 44 -4.33 -3.84 -12.06
C VAL A 44 -2.94 -3.33 -11.67
N TRP A 45 -2.45 -2.29 -12.33
CA TRP A 45 -1.12 -1.74 -12.04
C TRP A 45 -0.88 -1.30 -10.59
N PHE A 46 -1.90 -1.39 -9.74
CA PHE A 46 -1.75 -1.00 -8.34
C PHE A 46 -1.59 -2.17 -7.40
N PHE A 47 -2.07 -3.34 -7.81
CA PHE A 47 -2.06 -4.51 -6.94
C PHE A 47 -1.03 -5.59 -7.17
N GLY A 48 -1.09 -6.61 -6.31
CA GLY A 48 -0.18 -7.74 -6.40
C GLY A 48 -0.54 -8.73 -5.32
N LEU A 49 -0.06 -9.97 -5.45
CA LEU A 49 -0.36 -10.94 -4.41
C LEU A 49 0.81 -10.90 -3.40
N GLN A 50 0.47 -10.76 -2.11
CA GLN A 50 1.48 -10.71 -1.04
C GLN A 50 1.57 -12.03 -0.28
N TYR A 51 2.72 -12.32 0.30
CA TYR A 51 2.87 -13.58 1.04
C TYR A 51 4.10 -13.60 1.95
N VAL A 52 4.24 -14.66 2.75
CA VAL A 52 5.38 -14.79 3.66
C VAL A 52 6.27 -15.90 3.15
N ASP A 53 7.58 -15.68 3.13
CA ASP A 53 8.51 -16.69 2.66
C ASP A 53 8.93 -17.68 3.74
N SER A 54 9.60 -18.75 3.32
CA SER A 54 10.08 -19.78 4.22
C SER A 54 10.67 -19.14 5.45
N LYS A 55 11.53 -18.14 5.24
CA LYS A 55 12.17 -17.47 6.36
C LYS A 55 11.46 -16.19 6.81
N GLY A 56 10.21 -16.35 7.24
CA GLY A 56 9.39 -15.26 7.76
C GLY A 56 9.01 -13.90 7.15
N TYR A 57 9.74 -13.39 6.15
CA TYR A 57 9.43 -12.07 5.58
C TYR A 57 8.19 -11.95 4.71
N SER A 58 7.66 -10.74 4.63
CA SER A 58 6.50 -10.49 3.79
C SER A 58 7.09 -10.01 2.46
N THR A 59 6.36 -10.20 1.36
CA THR A 59 6.88 -9.80 0.07
C THR A 59 5.85 -10.07 -1.01
N TRP A 60 6.11 -9.50 -2.19
CA TRP A 60 5.22 -9.67 -3.33
C TRP A 60 5.62 -10.82 -4.23
N LEU A 61 4.60 -11.48 -4.77
CA LEU A 61 4.80 -12.61 -5.65
C LEU A 61 5.29 -12.07 -6.98
N LYS A 62 6.38 -12.65 -7.50
CA LYS A 62 6.89 -12.19 -8.78
C LYS A 62 5.98 -12.79 -9.84
N LEU A 63 5.38 -11.92 -10.66
CA LEU A 63 4.44 -12.31 -11.71
C LEU A 63 5.08 -13.15 -12.81
N ASN A 64 6.27 -12.72 -13.21
CA ASN A 64 7.05 -13.36 -14.24
C ASN A 64 7.57 -14.75 -13.82
N LYS A 65 8.32 -14.91 -12.72
CA LYS A 65 8.76 -16.27 -12.42
C LYS A 65 7.53 -17.05 -11.90
N LYS A 66 7.59 -18.39 -11.87
CA LYS A 66 6.50 -19.33 -11.42
C LYS A 66 6.00 -19.20 -9.95
N VAL A 67 4.75 -19.51 -9.64
CA VAL A 67 4.26 -19.38 -8.23
C VAL A 67 4.97 -20.32 -7.25
N THR A 68 5.25 -21.53 -7.71
CA THR A 68 5.92 -22.51 -6.86
C THR A 68 7.38 -22.17 -6.83
N GLN A 69 7.82 -21.58 -7.92
CA GLN A 69 9.22 -21.26 -8.06
C GLN A 69 9.68 -19.94 -7.45
N GLN A 70 9.34 -19.79 -6.18
CA GLN A 70 9.72 -18.71 -5.27
C GLN A 70 9.31 -19.21 -3.86
N ASP A 71 10.00 -18.71 -2.85
CA ASP A 71 9.84 -19.13 -1.45
C ASP A 71 8.51 -19.00 -0.72
N VAL A 72 7.39 -19.23 -1.39
CA VAL A 72 6.10 -19.14 -0.70
C VAL A 72 6.15 -20.11 0.47
N LYS A 73 5.76 -19.63 1.65
CA LYS A 73 5.75 -20.47 2.83
C LYS A 73 4.98 -21.74 2.50
N LYS A 74 5.60 -22.89 2.78
CA LYS A 74 4.95 -24.18 2.53
C LYS A 74 3.94 -24.48 3.61
N GLU A 75 2.67 -24.29 3.26
CA GLU A 75 1.56 -24.51 4.16
C GLU A 75 0.43 -24.96 3.24
N ASN A 76 -0.46 -25.80 3.75
CA ASN A 76 -1.59 -26.33 2.99
C ASN A 76 -2.07 -25.38 1.90
N PRO A 77 -3.12 -24.58 2.15
CA PRO A 77 -3.41 -23.74 0.98
C PRO A 77 -2.35 -22.65 1.01
N LEU A 78 -1.62 -22.48 -0.09
CA LEU A 78 -0.64 -21.41 -0.12
C LEU A 78 -1.46 -20.15 0.17
N GLN A 79 -0.97 -19.31 1.10
CA GLN A 79 -1.68 -18.09 1.50
C GLN A 79 -1.26 -16.78 0.80
N PHE A 80 -2.17 -16.19 0.05
CA PHE A 80 -1.89 -14.93 -0.64
C PHE A 80 -2.89 -13.87 -0.24
N LYS A 81 -2.45 -12.61 -0.27
CA LYS A 81 -3.33 -11.50 0.06
C LYS A 81 -3.37 -10.52 -1.10
N PHE A 82 -4.43 -10.59 -1.91
CA PHE A 82 -4.58 -9.66 -3.02
C PHE A 82 -4.66 -8.32 -2.31
N ARG A 83 -3.52 -7.65 -2.21
CA ARG A 83 -3.45 -6.39 -1.50
C ARG A 83 -2.74 -5.37 -2.42
N ALA A 84 -3.14 -4.11 -2.34
CA ALA A 84 -2.53 -3.04 -3.15
C ALA A 84 -1.01 -2.84 -2.95
N LYS A 85 -0.27 -2.91 -4.06
CA LYS A 85 1.20 -2.82 -4.04
C LYS A 85 1.81 -1.43 -4.13
N PHE A 86 1.28 -0.61 -5.01
CA PHE A 86 1.83 0.74 -5.19
C PHE A 86 0.76 1.77 -4.89
N PHE A 87 1.14 2.86 -4.24
CA PHE A 87 0.16 3.89 -3.97
C PHE A 87 0.36 5.10 -4.89
N PRO A 88 -0.74 5.70 -5.34
CA PRO A 88 -0.67 6.87 -6.22
C PRO A 88 -0.15 8.09 -5.48
N GLU A 89 0.17 9.15 -6.22
CA GLU A 89 0.67 10.38 -5.60
C GLU A 89 -0.50 11.22 -5.06
N ASP A 90 -1.66 11.06 -5.68
CA ASP A 90 -2.87 11.75 -5.24
C ASP A 90 -4.02 10.79 -5.46
N VAL A 91 -4.48 10.22 -4.35
CA VAL A 91 -5.57 9.27 -4.35
C VAL A 91 -6.78 9.79 -5.14
N SER A 92 -6.99 11.10 -5.09
CA SER A 92 -8.12 11.72 -5.76
C SER A 92 -8.28 11.53 -7.26
N GLU A 93 -7.23 11.69 -8.05
CA GLU A 93 -7.41 11.52 -9.49
C GLU A 93 -6.64 10.39 -10.17
N GLU A 94 -6.18 9.41 -9.40
CA GLU A 94 -5.47 8.26 -9.96
C GLU A 94 -6.34 7.01 -9.76
N LEU A 95 -7.06 6.96 -8.65
CA LEU A 95 -7.94 5.83 -8.37
C LEU A 95 -9.25 6.15 -9.08
N ILE A 96 -9.43 5.57 -10.28
CA ILE A 96 -10.61 5.84 -11.10
C ILE A 96 -11.94 5.18 -10.79
N GLN A 97 -11.93 3.86 -10.63
CA GLN A 97 -13.17 3.10 -10.39
C GLN A 97 -13.61 2.85 -8.95
N GLU A 98 -14.92 2.75 -8.76
CA GLU A 98 -15.50 2.51 -7.45
C GLU A 98 -14.83 1.33 -6.75
N ILE A 99 -14.67 0.24 -7.47
CA ILE A 99 -14.05 -0.94 -6.88
C ILE A 99 -12.60 -0.66 -6.50
N THR A 100 -11.85 -0.06 -7.42
CA THR A 100 -10.44 0.25 -7.20
C THR A 100 -10.28 1.20 -6.05
N GLN A 101 -11.13 2.22 -6.03
CA GLN A 101 -11.13 3.26 -5.00
C GLN A 101 -11.28 2.58 -3.67
N ARG A 102 -12.25 1.68 -3.70
CA ARG A 102 -12.65 0.88 -2.59
C ARG A 102 -11.52 0.13 -1.87
N LEU A 103 -11.06 -0.97 -2.46
CA LEU A 103 -10.01 -1.80 -1.87
C LEU A 103 -8.85 -1.02 -1.24
N PHE A 104 -8.63 0.20 -1.71
CA PHE A 104 -7.59 1.07 -1.17
C PHE A 104 -8.08 1.56 0.18
N PHE A 105 -9.32 2.03 0.19
CA PHE A 105 -9.95 2.52 1.39
C PHE A 105 -9.86 1.46 2.48
N LEU A 106 -10.43 0.29 2.21
CA LEU A 106 -10.38 -0.80 3.18
C LEU A 106 -8.96 -1.20 3.54
N GLN A 107 -8.08 -1.29 2.56
CA GLN A 107 -6.70 -1.67 2.87
C GLN A 107 -6.02 -0.68 3.77
N VAL A 108 -6.25 0.60 3.51
CA VAL A 108 -5.64 1.67 4.30
C VAL A 108 -6.27 1.73 5.68
N LYS A 109 -7.57 1.48 5.75
CA LYS A 109 -8.26 1.51 7.03
C LYS A 109 -7.63 0.47 7.97
N GLU A 110 -7.59 -0.79 7.55
CA GLU A 110 -7.03 -1.86 8.37
C GLU A 110 -5.66 -1.43 8.88
N ALA A 111 -4.80 -1.04 7.96
CA ALA A 111 -3.46 -0.60 8.29
C ALA A 111 -3.41 0.41 9.43
N ILE A 112 -4.30 1.38 9.39
CA ILE A 112 -4.34 2.42 10.42
C ILE A 112 -4.85 1.83 11.73
N LEU A 113 -5.86 0.97 11.65
CA LEU A 113 -6.44 0.33 12.83
C LEU A 113 -5.48 -0.67 13.46
N ASN A 114 -4.42 -1.03 12.73
CA ASN A 114 -3.43 -1.97 13.22
C ASN A 114 -2.13 -1.26 13.49
N ASP A 115 -2.21 0.05 13.69
CA ASP A 115 -1.03 0.84 13.99
C ASP A 115 0.12 0.65 13.00
N GLU A 116 -0.15 0.06 11.84
CA GLU A 116 0.90 -0.14 10.84
C GLU A 116 1.26 1.22 10.23
N ILE A 117 0.23 2.05 10.04
CA ILE A 117 0.42 3.39 9.53
C ILE A 117 0.01 4.25 10.72
N TYR A 118 0.99 4.88 11.37
CA TYR A 118 0.71 5.72 12.53
C TYR A 118 -0.38 6.76 12.23
N CYS A 119 -1.03 7.22 13.29
CA CYS A 119 -2.08 8.21 13.14
C CYS A 119 -2.41 8.86 14.47
N PRO A 120 -2.21 10.18 14.56
CA PRO A 120 -2.48 10.97 15.77
C PRO A 120 -3.94 10.82 16.14
N PRO A 121 -4.26 10.93 17.44
CA PRO A 121 -5.65 10.79 17.88
C PRO A 121 -6.72 11.66 17.18
N GLU A 122 -6.43 12.93 16.91
CA GLU A 122 -7.45 13.72 16.23
C GLU A 122 -7.73 13.21 14.82
N THR A 123 -6.70 13.18 13.99
CA THR A 123 -6.81 12.69 12.63
C THR A 123 -7.57 11.37 12.69
N ALA A 124 -7.24 10.56 13.68
CA ALA A 124 -7.89 9.27 13.86
C ALA A 124 -9.40 9.47 13.99
N VAL A 125 -9.84 10.14 15.06
CA VAL A 125 -11.25 10.37 15.26
C VAL A 125 -11.93 10.89 14.00
N LEU A 126 -11.28 11.77 13.26
CA LEU A 126 -11.92 12.27 12.04
C LEU A 126 -12.05 11.15 11.04
N LEU A 127 -10.96 10.42 10.81
CA LEU A 127 -10.99 9.31 9.87
C LEU A 127 -12.10 8.34 10.24
N ALA A 128 -12.19 7.99 11.51
CA ALA A 128 -13.23 7.08 11.96
C ALA A 128 -14.62 7.61 11.61
N SER A 129 -14.82 8.91 11.81
CA SER A 129 -16.10 9.53 11.51
C SER A 129 -16.47 9.29 10.06
N TYR A 130 -15.50 9.43 9.16
CA TYR A 130 -15.78 9.23 7.73
C TYR A 130 -16.18 7.79 7.43
N ALA A 131 -15.50 6.83 8.04
CA ALA A 131 -15.89 5.44 7.82
C ALA A 131 -17.29 5.27 8.41
N VAL A 132 -17.50 5.79 9.62
CA VAL A 132 -18.81 5.68 10.26
C VAL A 132 -19.91 6.25 9.36
N GLN A 133 -19.56 7.25 8.55
CA GLN A 133 -20.53 7.83 7.63
C GLN A 133 -20.74 6.85 6.49
N ALA A 134 -19.63 6.31 5.97
CA ALA A 134 -19.65 5.36 4.86
C ALA A 134 -20.32 4.02 5.16
N LYS A 135 -20.33 3.63 6.44
CA LYS A 135 -20.96 2.37 6.78
C LYS A 135 -22.43 2.51 7.13
N TYR A 136 -22.75 3.48 7.99
CA TYR A 136 -24.12 3.69 8.43
C TYR A 136 -24.92 4.64 7.58
N GLY A 137 -24.24 5.59 6.95
CA GLY A 137 -24.95 6.55 6.15
C GLY A 137 -25.11 7.80 6.99
N ASP A 138 -26.17 8.57 6.75
CA ASP A 138 -26.39 9.79 7.51
C ASP A 138 -26.76 9.49 8.95
N TYR A 139 -26.27 10.31 9.88
CA TYR A 139 -26.60 10.16 11.29
C TYR A 139 -28.09 10.52 11.39
N ASN A 140 -28.89 9.82 12.19
CA ASN A 140 -30.34 10.13 12.26
C ASN A 140 -30.64 9.93 13.72
N LYS A 141 -30.99 10.91 14.54
CA LYS A 141 -30.97 10.29 15.84
C LYS A 141 -31.92 9.14 16.08
N GLU A 142 -33.18 9.29 15.69
CA GLU A 142 -34.20 8.25 15.87
C GLU A 142 -33.78 6.78 15.85
N ILE A 143 -32.72 6.47 15.10
CA ILE A 143 -32.23 5.09 15.06
C ILE A 143 -30.83 5.01 15.69
N HIS A 144 -29.96 5.97 15.35
CA HIS A 144 -28.61 5.97 15.89
C HIS A 144 -28.46 6.53 17.30
N LYS A 145 -29.11 5.94 18.31
CA LYS A 145 -28.95 6.47 19.68
C LYS A 145 -27.51 6.19 20.21
N PRO A 146 -27.10 6.75 21.40
CA PRO A 146 -25.78 6.58 22.01
C PRO A 146 -25.24 5.19 21.91
N GLY A 147 -23.94 5.05 22.04
CA GLY A 147 -23.35 3.73 21.95
C GLY A 147 -23.62 2.88 20.71
N TYR A 148 -24.07 3.45 19.60
CA TYR A 148 -24.28 2.62 18.43
C TYR A 148 -22.93 2.17 17.83
N LEU A 149 -21.88 2.91 18.14
CA LEU A 149 -20.56 2.57 17.64
C LEU A 149 -19.87 1.66 18.64
N ALA A 150 -20.66 1.06 19.53
CA ALA A 150 -20.14 0.15 20.54
C ALA A 150 -19.45 -1.08 19.95
N ASN A 151 -20.09 -1.70 18.96
CA ASN A 151 -19.58 -2.91 18.34
C ASN A 151 -18.69 -2.71 17.09
N ASP A 152 -18.26 -1.47 16.87
CA ASP A 152 -17.42 -1.14 15.71
C ASP A 152 -15.94 -0.96 16.02
N ARG A 153 -15.05 -1.48 15.18
CA ARG A 153 -13.64 -1.24 15.42
C ARG A 153 -13.49 0.16 14.78
N LEU A 154 -12.90 1.14 15.47
CA LEU A 154 -12.80 2.49 14.88
C LEU A 154 -11.47 3.20 14.98
N LEU A 155 -10.80 3.04 16.13
CA LEU A 155 -9.53 3.72 16.36
C LEU A 155 -8.32 2.81 16.48
N PRO A 156 -7.12 3.34 16.14
CA PRO A 156 -5.89 2.56 16.24
C PRO A 156 -5.82 2.17 17.69
N GLN A 157 -5.02 1.18 18.03
CA GLN A 157 -4.95 0.79 19.42
C GLN A 157 -4.11 1.79 20.19
N ARG A 158 -3.03 2.26 19.57
CA ARG A 158 -2.15 3.20 20.26
C ARG A 158 -2.86 4.40 20.83
N VAL A 159 -4.05 4.74 20.33
CA VAL A 159 -4.74 5.91 20.86
C VAL A 159 -5.80 5.52 21.87
N LEU A 160 -5.84 4.23 22.20
CA LEU A 160 -6.77 3.73 23.19
C LEU A 160 -5.99 3.46 24.47
N GLU A 161 -4.92 2.68 24.33
CA GLU A 161 -4.03 2.30 25.44
C GLU A 161 -3.28 3.49 26.01
N GLN A 162 -2.92 4.42 25.14
CA GLN A 162 -2.12 5.58 25.54
C GLN A 162 -2.96 6.82 25.74
N HIS A 163 -4.10 6.71 26.42
CA HIS A 163 -4.94 7.88 26.59
C HIS A 163 -5.96 7.68 27.65
N LYS A 164 -6.95 8.55 27.68
CA LYS A 164 -7.96 8.35 28.68
C LYS A 164 -9.24 8.94 28.39
N LEU A 165 -10.09 8.07 27.91
CA LEU A 165 -11.41 8.43 27.63
C LEU A 165 -11.90 7.07 27.84
N THR A 166 -13.20 6.97 27.82
CA THR A 166 -13.72 5.68 27.96
C THR A 166 -14.02 5.42 26.52
N LYS A 167 -14.55 4.25 26.25
CA LYS A 167 -14.87 3.95 24.90
C LYS A 167 -16.04 4.85 24.49
N GLU A 168 -16.95 5.10 25.42
CA GLU A 168 -18.11 5.95 25.11
C GLU A 168 -17.71 7.37 24.75
N GLN A 169 -16.89 8.00 25.58
CA GLN A 169 -16.45 9.37 25.27
C GLN A 169 -15.95 9.36 23.84
N TRP A 170 -14.91 8.57 23.59
CA TRP A 170 -14.31 8.43 22.25
C TRP A 170 -15.43 8.31 21.23
N GLU A 171 -16.33 7.37 21.47
CA GLU A 171 -17.46 7.17 20.57
C GLU A 171 -18.18 8.49 20.34
N GLU A 172 -18.40 9.24 21.42
CA GLU A 172 -19.12 10.51 21.33
C GLU A 172 -18.42 11.49 20.39
N ARG A 173 -17.10 11.42 20.32
CA ARG A 173 -16.39 12.30 19.42
C ARG A 173 -16.67 11.89 17.97
N ILE A 174 -16.49 10.61 17.66
CA ILE A 174 -16.75 10.10 16.31
C ILE A 174 -18.18 10.54 15.98
N GLN A 175 -19.05 10.36 16.95
CA GLN A 175 -20.45 10.71 16.87
C GLN A 175 -20.70 12.17 16.42
N ASN A 176 -19.95 13.10 17.01
CA ASN A 176 -20.09 14.50 16.67
C ASN A 176 -19.69 14.71 15.23
N TRP A 177 -18.52 14.19 14.87
CA TRP A 177 -18.07 14.33 13.51
C TRP A 177 -19.08 13.69 12.56
N HIS A 178 -19.52 12.48 12.88
CA HIS A 178 -20.49 11.77 12.05
C HIS A 178 -21.66 12.65 11.65
N GLU A 179 -22.18 13.42 12.61
CA GLU A 179 -23.33 14.29 12.37
C GLU A 179 -23.08 15.34 11.30
N GLU A 180 -21.83 15.78 11.17
CA GLU A 180 -21.51 16.80 10.20
C GLU A 180 -21.38 16.31 8.75
N HIS A 181 -20.96 15.06 8.56
CA HIS A 181 -20.79 14.49 7.22
C HIS A 181 -22.08 14.18 6.46
N ARG A 182 -23.21 14.70 6.92
CA ARG A 182 -24.49 14.42 6.30
C ARG A 182 -24.55 14.60 4.81
N GLY A 183 -25.48 13.87 4.20
CA GLY A 183 -25.66 13.92 2.77
C GLY A 183 -24.37 13.64 2.05
N MET A 184 -23.60 12.69 2.58
CA MET A 184 -22.34 12.33 1.97
C MET A 184 -22.38 10.86 1.60
N LEU A 185 -22.49 10.60 0.30
CA LEU A 185 -22.54 9.24 -0.24
C LEU A 185 -21.33 8.46 0.26
N ARG A 186 -21.33 7.14 0.11
CA ARG A 186 -20.21 6.37 0.60
C ARG A 186 -18.98 6.50 -0.28
N GLU A 187 -19.19 6.82 -1.56
CA GLU A 187 -18.06 6.98 -2.48
C GLU A 187 -17.18 8.12 -2.02
N ASP A 188 -17.82 9.24 -1.68
CA ASP A 188 -17.12 10.44 -1.23
C ASP A 188 -16.60 10.24 0.19
N SER A 189 -17.41 9.58 1.01
CA SER A 189 -17.03 9.32 2.38
C SER A 189 -15.74 8.52 2.35
N MET A 190 -15.67 7.55 1.45
CA MET A 190 -14.46 6.74 1.34
C MET A 190 -13.28 7.52 0.79
N MET A 191 -13.50 8.25 -0.28
CA MET A 191 -12.42 9.03 -0.86
C MET A 191 -11.93 10.06 0.12
N GLU A 192 -12.87 10.72 0.80
CA GLU A 192 -12.53 11.76 1.76
C GLU A 192 -11.61 11.17 2.84
N TYR A 193 -11.84 9.91 3.17
CA TYR A 193 -11.03 9.19 4.15
C TYR A 193 -9.60 9.12 3.63
N LEU A 194 -9.44 8.57 2.44
CA LEU A 194 -8.16 8.43 1.78
C LEU A 194 -7.43 9.76 1.58
N LYS A 195 -8.15 10.79 1.12
CA LYS A 195 -7.51 12.08 0.93
C LYS A 195 -6.75 12.44 2.20
N ILE A 196 -7.41 12.28 3.35
CA ILE A 196 -6.80 12.59 4.64
C ILE A 196 -5.59 11.68 4.87
N ALA A 197 -5.85 10.38 4.91
CA ALA A 197 -4.81 9.39 5.15
C ALA A 197 -3.54 9.45 4.30
N GLN A 198 -3.66 9.79 3.02
CA GLN A 198 -2.47 9.81 2.17
C GLN A 198 -1.40 10.83 2.58
N ASP A 199 -1.77 11.77 3.46
CA ASP A 199 -0.84 12.78 3.93
C ASP A 199 -0.14 12.31 5.19
N LEU A 200 -0.38 11.05 5.57
CA LEU A 200 0.23 10.49 6.76
C LEU A 200 1.68 10.12 6.51
N GLU A 201 2.54 10.34 7.51
CA GLU A 201 3.97 10.08 7.36
C GLU A 201 4.31 8.67 6.88
N MET A 202 3.54 7.69 7.35
CA MET A 202 3.83 6.31 6.99
C MET A 202 3.06 5.77 5.80
N TYR A 203 1.97 6.44 5.45
CA TYR A 203 1.17 6.00 4.31
C TYR A 203 2.08 5.67 3.14
N GLY A 204 1.68 4.68 2.35
CA GLY A 204 2.45 4.28 1.19
C GLY A 204 3.94 3.95 1.31
N VAL A 205 4.46 3.73 2.51
CA VAL A 205 5.89 3.43 2.59
C VAL A 205 6.21 1.98 2.89
N ASN A 206 7.14 1.41 2.14
CA ASN A 206 7.58 0.04 2.35
C ASN A 206 8.83 0.09 3.18
N TYR A 207 8.77 -0.44 4.40
CA TYR A 207 9.92 -0.43 5.30
C TYR A 207 10.76 -1.69 5.24
N PHE A 208 12.08 -1.52 5.37
CA PHE A 208 13.01 -2.63 5.35
C PHE A 208 14.02 -2.49 6.48
N GLU A 209 14.46 -3.62 7.03
CA GLU A 209 15.44 -3.65 8.11
C GLU A 209 16.85 -3.67 7.53
N ILE A 210 17.69 -2.71 7.94
CA ILE A 210 19.06 -2.65 7.42
C ILE A 210 20.04 -2.06 8.41
N LYS A 211 21.26 -1.83 7.95
CA LYS A 211 22.33 -1.26 8.77
C LYS A 211 23.24 -0.41 7.90
N ASN A 212 23.99 0.50 8.51
CA ASN A 212 24.91 1.30 7.71
C ASN A 212 26.20 0.47 7.48
N LYS A 213 27.42 0.98 7.71
CA LYS A 213 28.65 0.19 7.46
C LYS A 213 29.25 -0.09 8.81
N LYS A 214 28.85 0.77 9.72
CA LYS A 214 29.27 0.67 11.09
C LYS A 214 28.58 -0.60 11.52
N GLY A 215 27.26 -0.50 11.64
CA GLY A 215 26.47 -1.62 12.05
C GLY A 215 25.25 -1.12 12.78
N THR A 216 24.92 0.15 12.61
CA THR A 216 23.75 0.72 13.27
C THR A 216 22.48 0.32 12.55
N GLU A 217 21.44 -0.01 13.31
CA GLU A 217 20.17 -0.41 12.72
C GLU A 217 19.54 0.78 12.02
N LEU A 218 18.92 0.53 10.87
CA LEU A 218 18.27 1.59 10.10
C LEU A 218 17.10 1.07 9.31
N TRP A 219 16.26 1.99 8.87
CA TRP A 219 15.12 1.62 8.04
C TRP A 219 15.28 2.25 6.66
N LEU A 220 15.18 1.43 5.62
CA LEU A 220 15.22 1.95 4.27
C LEU A 220 13.76 1.86 3.80
N GLY A 221 13.21 2.98 3.40
CA GLY A 221 11.84 2.99 2.94
C GLY A 221 11.77 3.25 1.45
N VAL A 222 10.83 2.58 0.78
CA VAL A 222 10.65 2.77 -0.65
C VAL A 222 9.21 3.23 -0.83
N ASP A 223 9.03 4.45 -1.32
CA ASP A 223 7.68 4.94 -1.54
C ASP A 223 7.49 5.39 -2.98
N ALA A 224 6.40 6.10 -3.25
CA ALA A 224 6.09 6.55 -4.60
C ALA A 224 7.07 7.57 -5.19
N LEU A 225 7.73 8.34 -4.32
CA LEU A 225 8.65 9.38 -4.78
C LEU A 225 10.12 9.08 -4.74
N GLY A 226 10.49 7.92 -4.19
CA GLY A 226 11.89 7.56 -4.13
C GLY A 226 12.25 6.80 -2.88
N LEU A 227 13.50 6.94 -2.45
CA LEU A 227 13.97 6.26 -1.25
C LEU A 227 14.06 7.19 -0.05
N ASN A 228 14.26 6.59 1.11
CA ASN A 228 14.36 7.32 2.38
C ASN A 228 15.06 6.48 3.42
N ILE A 229 16.01 7.09 4.11
CA ILE A 229 16.73 6.38 5.15
C ILE A 229 16.24 6.95 6.48
N TYR A 230 15.69 6.09 7.32
CA TYR A 230 15.18 6.56 8.60
C TYR A 230 16.06 6.10 9.74
N GLU A 231 15.98 6.82 10.86
CA GLU A 231 16.74 6.46 12.04
C GLU A 231 15.84 5.39 12.67
N HIS A 232 16.45 4.30 13.14
CA HIS A 232 15.69 3.19 13.71
C HIS A 232 14.56 3.51 14.70
N ASP A 233 14.64 4.63 15.40
CA ASP A 233 13.58 4.97 16.37
C ASP A 233 12.56 5.93 15.80
N ASP A 234 12.79 6.39 14.58
CA ASP A 234 11.89 7.33 13.96
C ASP A 234 11.48 6.86 12.58
N LYS A 235 10.40 6.08 12.52
CA LYS A 235 9.89 5.57 11.26
C LYS A 235 9.05 6.66 10.57
N LEU A 236 8.88 7.79 11.25
CA LEU A 236 8.10 8.90 10.72
C LEU A 236 8.91 9.89 9.92
N THR A 237 9.97 10.43 10.52
CA THR A 237 10.81 11.40 9.83
C THR A 237 12.04 10.82 9.15
N PRO A 238 12.18 11.09 7.84
CA PRO A 238 13.34 10.59 7.10
C PRO A 238 14.54 11.41 7.49
N LYS A 239 15.65 10.73 7.81
CA LYS A 239 16.86 11.43 8.17
C LYS A 239 17.66 11.78 6.92
N ILE A 240 17.36 11.10 5.82
CA ILE A 240 18.02 11.32 4.53
C ILE A 240 17.12 10.81 3.42
N GLY A 241 16.67 11.73 2.57
CA GLY A 241 15.80 11.37 1.45
C GLY A 241 16.50 11.35 0.10
N PHE A 242 16.10 10.39 -0.73
CA PHE A 242 16.68 10.21 -2.05
C PHE A 242 15.58 10.21 -3.11
N PRO A 243 15.09 11.40 -3.49
CA PRO A 243 14.04 11.51 -4.51
C PRO A 243 14.51 10.83 -5.78
N TRP A 244 13.56 10.41 -6.61
CA TRP A 244 13.90 9.72 -7.86
C TRP A 244 14.89 10.50 -8.73
N SER A 245 14.64 11.81 -8.86
CA SER A 245 15.48 12.67 -9.69
C SER A 245 16.89 12.97 -9.18
N GLU A 246 17.17 12.65 -7.93
CA GLU A 246 18.49 12.89 -7.38
C GLU A 246 19.32 11.63 -7.39
N ILE A 247 18.69 10.54 -7.79
CA ILE A 247 19.38 9.27 -7.87
C ILE A 247 19.61 9.02 -9.35
N ARG A 248 20.74 8.39 -9.64
CA ARG A 248 21.11 8.13 -11.04
C ARG A 248 21.07 6.65 -11.33
N ASN A 249 21.47 5.93 -10.30
CA ASN A 249 21.54 4.51 -10.35
C ASN A 249 21.83 3.93 -9.01
N ILE A 250 20.95 2.95 -8.84
CA ILE A 250 20.79 2.03 -7.76
C ILE A 250 21.25 0.67 -8.31
N SER A 251 22.02 0.01 -7.42
CA SER A 251 22.68 -1.30 -7.62
C SER A 251 22.90 -2.09 -6.30
N PHE A 252 23.39 -3.35 -6.41
CA PHE A 252 23.64 -4.21 -5.25
C PHE A 252 24.41 -5.52 -5.51
N ASN A 253 25.22 -5.95 -4.52
CA ASN A 253 25.93 -7.22 -4.60
C ASN A 253 25.22 -8.05 -3.52
N ASP A 254 25.77 -9.18 -3.09
CA ASP A 254 25.02 -9.96 -2.11
C ASP A 254 24.28 -9.18 -1.02
N LYS A 255 24.97 -8.56 -0.07
CA LYS A 255 24.24 -7.84 0.96
C LYS A 255 24.51 -6.37 0.92
N LYS A 256 25.25 -5.92 -0.08
CA LYS A 256 25.56 -4.50 -0.16
C LYS A 256 24.71 -3.76 -1.17
N PHE A 257 24.22 -2.62 -0.75
CA PHE A 257 23.38 -1.82 -1.61
C PHE A 257 23.94 -0.41 -1.69
N VAL A 258 23.92 0.15 -2.90
CA VAL A 258 24.45 1.48 -3.14
C VAL A 258 23.48 2.41 -3.85
N ILE A 259 23.44 3.66 -3.40
CA ILE A 259 22.59 4.69 -4.00
C ILE A 259 23.52 5.80 -4.49
N LYS A 260 23.80 5.79 -5.79
CA LYS A 260 24.66 6.81 -6.38
C LYS A 260 23.83 8.00 -6.83
N PRO A 261 24.09 9.17 -6.24
CA PRO A 261 23.39 10.42 -6.55
C PRO A 261 23.76 10.94 -7.93
N ILE A 262 22.82 11.62 -8.58
CA ILE A 262 23.05 12.17 -9.90
C ILE A 262 24.17 13.21 -9.81
N ASP A 263 24.37 13.75 -8.60
CA ASP A 263 25.42 14.75 -8.37
C ASP A 263 26.74 14.03 -8.03
N LYS A 264 27.70 14.09 -8.94
CA LYS A 264 28.98 13.43 -8.72
C LYS A 264 29.85 14.05 -7.63
N LYS A 265 29.62 15.34 -7.33
CA LYS A 265 30.39 16.01 -6.28
C LYS A 265 29.91 15.45 -4.95
N ALA A 266 28.72 14.85 -4.98
CA ALA A 266 28.13 14.23 -3.80
C ALA A 266 28.73 12.84 -3.64
N PRO A 267 28.68 12.30 -2.42
CA PRO A 267 29.23 10.96 -2.17
C PRO A 267 28.18 9.90 -2.48
N ASP A 268 28.59 8.63 -2.43
CA ASP A 268 27.67 7.54 -2.68
C ASP A 268 27.19 7.01 -1.34
N PHE A 269 25.92 6.60 -1.28
CA PHE A 269 25.38 6.05 -0.05
C PHE A 269 25.33 4.55 -0.15
N VAL A 270 25.53 3.91 1.00
CA VAL A 270 25.55 2.46 1.07
C VAL A 270 25.03 2.00 2.41
N PHE A 271 24.10 1.05 2.39
CA PHE A 271 23.58 0.51 3.63
C PHE A 271 23.68 -1.00 3.43
N TYR A 272 23.52 -1.75 4.51
CA TYR A 272 23.63 -3.19 4.38
C TYR A 272 22.35 -3.92 4.73
N ALA A 273 22.03 -4.93 3.93
CA ALA A 273 20.83 -5.74 4.10
C ALA A 273 21.11 -7.12 4.69
N PRO A 274 20.20 -7.59 5.56
CA PRO A 274 20.33 -8.90 6.22
C PRO A 274 20.49 -10.10 5.29
N ARG A 275 19.65 -10.21 4.26
CA ARG A 275 19.74 -11.32 3.33
C ARG A 275 19.66 -10.81 1.90
N LEU A 276 20.34 -11.47 0.97
CA LEU A 276 20.32 -11.05 -0.42
C LEU A 276 18.90 -10.81 -0.94
N ARG A 277 17.96 -11.63 -0.50
CA ARG A 277 16.58 -11.50 -0.94
C ARG A 277 16.00 -10.11 -0.73
N ILE A 278 16.38 -9.47 0.36
CA ILE A 278 15.86 -8.14 0.63
C ILE A 278 16.35 -7.08 -0.36
N ASN A 279 17.62 -7.13 -0.76
CA ASN A 279 18.13 -6.15 -1.72
C ASN A 279 17.42 -6.28 -3.07
N LYS A 280 17.16 -7.51 -3.50
CA LYS A 280 16.49 -7.72 -4.78
C LYS A 280 15.06 -7.20 -4.68
N ARG A 281 14.47 -7.37 -3.50
CA ARG A 281 13.11 -6.91 -3.27
C ARG A 281 13.03 -5.41 -3.22
N ILE A 282 14.05 -4.78 -2.66
CA ILE A 282 14.10 -3.32 -2.58
C ILE A 282 14.19 -2.73 -4.00
N LEU A 283 15.08 -3.30 -4.80
CA LEU A 283 15.25 -2.85 -6.16
C LEU A 283 13.98 -3.11 -6.95
N ALA A 284 13.32 -4.22 -6.60
CA ALA A 284 12.08 -4.59 -7.25
C ALA A 284 11.04 -3.48 -7.08
N LEU A 285 10.89 -2.99 -5.85
CA LEU A 285 9.94 -1.93 -5.56
C LEU A 285 10.34 -0.59 -6.17
N CYS A 286 11.65 -0.36 -6.28
CA CYS A 286 12.13 0.88 -6.84
C CYS A 286 11.76 0.98 -8.31
N MET A 287 11.83 -0.15 -9.02
CA MET A 287 11.46 -0.16 -10.44
C MET A 287 9.99 0.18 -10.55
N GLY A 288 9.19 -0.56 -9.78
CA GLY A 288 7.76 -0.39 -9.78
C GLY A 288 7.32 1.05 -9.60
N ASN A 289 7.62 1.64 -8.45
CA ASN A 289 7.21 3.00 -8.21
C ASN A 289 7.71 3.95 -9.27
N HIS A 290 9.02 3.90 -9.54
CA HIS A 290 9.61 4.76 -10.55
C HIS A 290 8.84 4.60 -11.84
N GLU A 291 8.71 3.35 -12.27
CA GLU A 291 7.97 3.03 -13.47
C GLU A 291 6.69 3.87 -13.51
N LEU A 292 5.84 3.70 -12.52
CA LEU A 292 4.57 4.44 -12.44
C LEU A 292 4.74 5.95 -12.22
N TYR A 293 5.88 6.35 -11.66
CA TYR A 293 6.15 7.77 -11.42
C TYR A 293 6.32 8.50 -12.74
N MET A 294 6.71 7.76 -13.77
CA MET A 294 6.89 8.34 -15.07
C MET A 294 5.57 8.23 -15.83
N ARG A 295 4.98 7.05 -15.82
CA ARG A 295 3.71 6.83 -16.51
C ARG A 295 2.69 7.88 -16.06
N ARG A 296 2.94 8.50 -14.90
CA ARG A 296 2.02 9.49 -14.40
C ARG A 296 2.51 10.92 -14.62
N ARG A 297 3.35 11.08 -15.63
CA ARG A 297 3.85 12.40 -15.95
C ARG A 297 3.92 12.48 -17.47
N LYS A 298 3.22 11.55 -18.10
CA LYS A 298 3.09 11.46 -19.54
C LYS A 298 1.58 11.40 -19.76
N PRO A 299 1.12 11.65 -20.99
CA PRO A 299 -0.32 11.61 -21.28
C PRO A 299 -1.02 10.31 -20.90
N ASP A 300 -2.34 10.39 -20.72
CA ASP A 300 -3.16 9.26 -20.36
C ASP A 300 -3.30 8.22 -21.47
N THR A 301 -3.14 6.95 -21.11
CA THR A 301 -3.29 5.88 -22.08
C THR A 301 -4.73 5.97 -22.54
N ILE A 302 -5.01 5.51 -23.75
CA ILE A 302 -6.36 5.55 -24.26
C ILE A 302 -7.27 4.79 -23.32
N GLU A 303 -6.85 3.58 -22.94
CA GLU A 303 -7.66 2.77 -22.03
C GLU A 303 -8.03 3.59 -20.80
N VAL A 304 -7.03 4.23 -20.20
CA VAL A 304 -7.24 5.05 -19.02
C VAL A 304 -8.19 6.21 -19.33
N GLN A 305 -8.10 6.74 -20.54
CA GLN A 305 -8.95 7.86 -20.99
C GLN A 305 -10.43 7.50 -20.97
N GLN A 306 -10.78 6.39 -21.61
CA GLN A 306 -12.15 5.95 -21.67
C GLN A 306 -12.64 5.49 -20.29
N MET A 307 -11.70 5.17 -19.41
CA MET A 307 -12.06 4.75 -18.06
C MET A 307 -12.57 5.95 -17.30
N LYS A 308 -11.70 6.95 -17.16
CA LYS A 308 -12.04 8.17 -16.46
C LYS A 308 -13.29 8.78 -17.09
N ALA A 309 -13.43 8.59 -18.39
CA ALA A 309 -14.58 9.10 -19.13
C ALA A 309 -15.84 8.37 -18.68
N GLN A 310 -15.87 7.06 -18.92
CA GLN A 310 -16.99 6.22 -18.56
C GLN A 310 -17.27 6.36 -17.05
N ALA A 311 -16.30 6.88 -16.32
CA ALA A 311 -16.43 7.07 -14.87
C ALA A 311 -17.17 8.34 -14.53
N ARG A 312 -17.05 9.34 -15.40
CA ARG A 312 -17.70 10.63 -15.19
C ARG A 312 -19.22 10.49 -15.33
N VAL A 313 -19.64 9.50 -16.11
CA VAL A 313 -21.07 9.26 -16.34
C VAL A 313 -21.69 8.41 -15.23
N ASP A 314 -20.86 7.82 -14.39
CA ASP A 314 -21.34 6.96 -13.31
C ASP A 314 -21.53 7.66 -11.98
N SER A 315 -21.61 8.98 -12.02
CA SER A 315 -21.82 9.77 -10.81
C SER A 315 -22.44 11.09 -11.23
N SER A 316 -22.61 11.25 -12.54
CA SER A 316 -23.23 12.45 -13.10
C SER A 316 -24.70 12.27 -12.72
N GLY A 317 -25.63 12.80 -13.51
CA GLY A 317 -27.03 12.65 -13.14
C GLY A 317 -27.99 12.17 -14.21
N ARG A 318 -29.23 12.66 -14.10
CA ARG A 318 -30.29 12.34 -15.03
C ARG A 318 -31.03 13.63 -15.36
N ILE A 319 -32.33 13.52 -15.66
CA ILE A 319 -33.15 14.68 -15.99
C ILE A 319 -32.77 15.95 -15.23
N LYS B 5 21.15 -20.03 -9.78
CA LYS B 5 21.86 -18.98 -8.98
C LYS B 5 21.63 -17.54 -9.56
N ARG B 6 21.71 -16.47 -8.74
CA ARG B 6 21.45 -15.01 -9.15
C ARG B 6 21.93 -13.67 -8.40
N ARG B 7 23.01 -13.64 -7.61
CA ARG B 7 23.61 -12.51 -6.77
C ARG B 7 23.66 -10.94 -6.86
N THR B 8 23.67 -10.41 -8.07
CA THR B 8 23.82 -8.97 -8.34
C THR B 8 22.57 -8.24 -8.91
N GLY B 9 22.64 -6.93 -9.18
CA GLY B 9 21.48 -6.22 -9.74
C GLY B 9 21.45 -4.71 -9.60
N ALA B 10 20.95 -3.99 -10.61
CA ALA B 10 20.90 -2.53 -10.58
C ALA B 10 19.84 -1.93 -11.51
N LEU B 11 19.40 -0.71 -11.21
CA LEU B 11 18.40 0.00 -12.00
C LEU B 11 18.86 1.43 -12.19
N THR B 12 19.05 1.86 -13.42
CA THR B 12 19.47 3.22 -13.67
C THR B 12 18.26 4.05 -13.75
N LEU B 13 18.21 5.08 -12.92
CA LEU B 13 17.07 6.00 -12.91
C LEU B 13 17.55 7.21 -13.69
N SER B 14 17.60 8.35 -13.00
CA SER B 14 18.07 9.58 -13.58
C SER B 14 19.35 9.20 -14.32
N GLY B 15 19.29 9.24 -15.64
CA GLY B 15 20.46 8.91 -16.40
C GLY B 15 20.28 9.48 -17.78
N GLY B 16 19.39 10.47 -17.90
CA GLY B 16 19.11 11.10 -19.18
C GLY B 16 18.57 10.10 -20.20
N GLY B 17 18.55 8.83 -19.81
CA GLY B 17 18.06 7.78 -20.68
C GLY B 17 16.54 7.77 -20.65
N LYS B 18 15.98 7.61 -19.47
CA LYS B 18 14.52 7.62 -19.31
C LYS B 18 14.06 9.08 -19.18
N ARG B 19 14.30 9.86 -20.25
CA ARG B 19 13.96 11.28 -20.33
C ARG B 19 15.09 12.15 -19.75
#